data_4G2V
#
_entry.id   4G2V
#
_cell.length_a   93.835
_cell.length_b   93.835
_cell.length_c   172.863
_cell.angle_alpha   90.00
_cell.angle_beta   90.00
_cell.angle_gamma   120.00
#
_symmetry.space_group_name_H-M   'P 61 2 2'
#
loop_
_entity.id
_entity.type
_entity.pdbx_description
1 polymer 'G-protein-signaling modulator 2'
2 polymer 'peptide from FERM and PDZ domain-containing protein 1'
3 non-polymer GLYCEROL
4 non-polymer 2-[BIS-(2-HYDROXY-ETHYL)-AMINO]-2-HYDROXYMETHYL-PROPANE-1,3-DIOL
5 non-polymer 'CHLORIDE ION'
6 water water
#
loop_
_entity_poly.entity_id
_entity_poly.type
_entity_poly.pdbx_seq_one_letter_code
_entity_poly.pdbx_strand_id
1 'polypeptide(L)'
;GPGSASCLELALEGERLCKSGDCRAGVSFFEAAVQVGTEDLKTLSAIYSQLGNAYFYLHDYAKALEYHHHDLTLARTIGD
QLGEAKASGNLGNTLKVLGNFDEAIVCCQRHLDISRELNDKVGEARALYNLGNVYHAKGKSFGCPGPQDTGEFPEDVRNA
LQAAVDLYEENLSLVTALGDRAAQGRAFGNLGNTHYLLGNFRDAVIAHEQRLLIAKEFGDKAAERRAYSNLGNAYIFLGE
FETASEYYKKTLLLARQLKDRAVEAQSCYSLGNTYTLLQDYEKAIDYHLKHLAIAQELKDRIGEGRACWSLGNAYTALGN
HDQAMHFAEKHLEISREVGD
;
A
2 'polypeptide(L)' ALGLLAPLRETKSTNPASRVMEMEPETMETKSVIDSRV B
#
# COMPACT_ATOMS: atom_id res chain seq x y z
N GLY A 3 -34.03 16.78 -14.39
CA GLY A 3 -32.60 16.91 -14.26
C GLY A 3 -31.88 15.58 -14.15
N SER A 4 -32.56 14.51 -14.56
CA SER A 4 -31.97 13.16 -14.50
C SER A 4 -30.94 12.91 -15.60
N ALA A 5 -31.27 13.29 -16.82
CA ALA A 5 -30.36 13.10 -17.96
C ALA A 5 -29.10 13.93 -17.78
N SER A 6 -29.29 15.18 -17.38
CA SER A 6 -28.19 16.09 -17.06
C SER A 6 -27.31 15.48 -15.97
N CYS A 7 -27.95 14.85 -14.98
CA CYS A 7 -27.23 14.17 -13.91
C CYS A 7 -26.44 12.99 -14.48
N LEU A 8 -27.14 12.14 -15.23
CA LEU A 8 -26.50 11.03 -15.93
C LEU A 8 -25.29 11.53 -16.72
N GLU A 9 -25.50 12.58 -17.49
CA GLU A 9 -24.43 13.14 -18.34
C GLU A 9 -23.24 13.65 -17.54
N LEU A 10 -23.50 14.46 -16.51
CA LEU A 10 -22.44 15.00 -15.67
C LEU A 10 -21.63 13.88 -15.00
N ALA A 11 -22.31 12.83 -14.56
CA ALA A 11 -21.64 11.71 -13.90
C ALA A 11 -20.73 10.97 -14.89
N LEU A 12 -21.16 10.88 -16.14
CA LEU A 12 -20.35 10.27 -17.18
C LEU A 12 -19.02 11.00 -17.36
N GLU A 13 -19.03 12.32 -17.28
CA GLU A 13 -17.80 13.09 -17.38
C GLU A 13 -16.88 12.76 -16.22
N GLY A 14 -17.45 12.70 -15.01
CA GLY A 14 -16.71 12.38 -13.81
C GLY A 14 -16.07 11.00 -13.88
N GLU A 15 -16.86 10.01 -14.31
CA GLU A 15 -16.34 8.66 -14.50
C GLU A 15 -15.16 8.65 -15.46
N ARG A 16 -15.31 9.37 -16.55
CA ARG A 16 -14.27 9.42 -17.57
C ARG A 16 -13.00 10.01 -16.99
N LEU A 17 -13.14 11.12 -16.27
CA LEU A 17 -11.99 11.84 -15.73
C LEU A 17 -11.25 11.06 -14.66
N CYS A 18 -11.98 10.35 -13.80
CA CYS A 18 -11.35 9.56 -12.75
C CYS A 18 -10.60 8.38 -13.33
N LYS A 19 -11.21 7.72 -14.32
CA LYS A 19 -10.56 6.65 -15.06
C LYS A 19 -9.39 7.27 -15.83
N SER A 20 -9.61 8.49 -16.30
CA SER A 20 -8.58 9.25 -17.02
C SER A 20 -7.36 9.53 -16.13
N GLY A 21 -7.51 9.32 -14.83
CA GLY A 21 -6.39 9.50 -13.92
C GLY A 21 -6.43 10.82 -13.17
N ASP A 22 -7.35 11.70 -13.54
CA ASP A 22 -7.50 12.93 -12.79
C ASP A 22 -8.79 12.92 -11.98
N CYS A 23 -8.65 12.76 -10.67
CA CYS A 23 -9.80 12.69 -9.78
C CYS A 23 -10.34 14.07 -9.41
N ARG A 24 -9.46 15.07 -9.40
CA ARG A 24 -9.86 16.42 -9.03
C ARG A 24 -11.05 16.91 -9.85
N ALA A 25 -10.94 16.84 -11.18
CA ALA A 25 -12.01 17.32 -12.06
C ALA A 25 -13.23 16.40 -12.03
N GLY A 26 -12.99 15.10 -12.01
CA GLY A 26 -14.08 14.13 -11.95
C GLY A 26 -14.96 14.38 -10.74
N VAL A 27 -14.34 14.61 -9.60
CA VAL A 27 -15.06 14.92 -8.38
C VAL A 27 -16.03 16.08 -8.61
N SER A 28 -15.53 17.17 -9.18
CA SER A 28 -16.35 18.35 -9.43
C SER A 28 -17.56 18.02 -10.29
N PHE A 29 -17.37 17.15 -11.29
CA PHE A 29 -18.46 16.72 -12.15
C PHE A 29 -19.44 15.80 -11.43
N PHE A 30 -18.94 14.97 -10.53
CA PHE A 30 -19.82 14.16 -9.68
C PHE A 30 -20.60 15.06 -8.74
N GLU A 31 -19.92 16.03 -8.15
CA GLU A 31 -20.57 16.96 -7.22
C GLU A 31 -21.60 17.79 -7.97
N ALA A 32 -21.32 18.07 -9.24
CA ALA A 32 -22.27 18.77 -10.09
C ALA A 32 -23.49 17.88 -10.30
N ALA A 33 -23.24 16.61 -10.61
CA ALA A 33 -24.32 15.66 -10.83
C ALA A 33 -25.21 15.59 -9.60
N VAL A 34 -24.59 15.50 -8.42
CA VAL A 34 -25.33 15.48 -7.17
C VAL A 34 -26.19 16.74 -7.05
N GLN A 35 -25.58 17.89 -7.32
CA GLN A 35 -26.27 19.18 -7.22
C GLN A 35 -27.49 19.25 -8.13
N VAL A 36 -27.41 18.62 -9.29
CA VAL A 36 -28.52 18.56 -10.23
C VAL A 36 -29.59 17.58 -9.76
N GLY A 37 -29.16 16.46 -9.20
CA GLY A 37 -30.08 15.48 -8.64
C GLY A 37 -30.74 14.55 -9.64
N THR A 38 -31.33 13.48 -9.13
CA THR A 38 -32.06 12.52 -9.95
C THR A 38 -33.08 11.76 -9.11
N GLU A 39 -34.09 11.20 -9.78
CA GLU A 39 -35.11 10.42 -9.10
C GLU A 39 -34.70 8.95 -9.00
N ASP A 40 -33.58 8.60 -9.61
CA ASP A 40 -33.12 7.21 -9.62
C ASP A 40 -32.04 7.02 -8.56
N LEU A 41 -32.39 6.31 -7.50
CA LEU A 41 -31.54 6.20 -6.32
C LEU A 41 -30.31 5.31 -6.55
N LYS A 42 -30.40 4.41 -7.53
CA LYS A 42 -29.27 3.54 -7.83
C LYS A 42 -28.19 4.33 -8.56
N THR A 43 -28.59 5.35 -9.30
CA THR A 43 -27.64 6.24 -9.98
C THR A 43 -26.92 7.11 -8.96
N LEU A 44 -27.68 7.68 -8.02
CA LEU A 44 -27.09 8.45 -6.92
C LEU A 44 -26.10 7.59 -6.13
N SER A 45 -26.51 6.37 -5.83
CA SER A 45 -25.64 5.42 -5.16
C SER A 45 -24.30 5.30 -5.87
N ALA A 46 -24.35 5.03 -7.17
CA ALA A 46 -23.13 4.90 -7.97
C ALA A 46 -22.30 6.17 -7.87
N ILE A 47 -22.98 7.31 -7.93
CA ILE A 47 -22.30 8.59 -7.83
C ILE A 47 -21.63 8.78 -6.47
N TYR A 48 -22.37 8.50 -5.40
CA TYR A 48 -21.80 8.54 -4.05
C TYR A 48 -20.57 7.64 -3.95
N SER A 49 -20.70 6.42 -4.46
CA SER A 49 -19.62 5.45 -4.37
C SER A 49 -18.35 5.96 -5.07
N GLN A 50 -18.52 6.59 -6.21
CA GLN A 50 -17.37 7.09 -6.97
C GLN A 50 -16.78 8.35 -6.37
N LEU A 51 -17.62 9.20 -5.79
CA LEU A 51 -17.12 10.33 -5.03
C LEU A 51 -16.25 9.83 -3.87
N GLY A 52 -16.70 8.75 -3.23
CA GLY A 52 -15.97 8.17 -2.11
C GLY A 52 -14.62 7.61 -2.49
N ASN A 53 -14.56 6.90 -3.62
CA ASN A 53 -13.30 6.32 -4.09
C ASN A 53 -12.31 7.39 -4.56
N ALA A 54 -12.81 8.39 -5.26
CA ALA A 54 -11.98 9.50 -5.70
C ALA A 54 -11.36 10.24 -4.52
N TYR A 55 -12.19 10.61 -3.54
CA TYR A 55 -11.67 11.32 -2.39
C TYR A 55 -10.70 10.46 -1.60
N PHE A 56 -10.97 9.16 -1.57
CA PHE A 56 -10.07 8.22 -0.92
C PHE A 56 -8.72 8.23 -1.63
N TYR A 57 -8.75 8.21 -2.95
CA TYR A 57 -7.52 8.22 -3.73
C TYR A 57 -6.87 9.59 -3.73
N LEU A 58 -7.68 10.62 -3.51
CA LEU A 58 -7.18 11.99 -3.35
C LEU A 58 -6.72 12.23 -1.92
N HIS A 59 -6.81 11.19 -1.09
CA HIS A 59 -6.37 11.25 0.29
C HIS A 59 -7.20 12.19 1.18
N ASP A 60 -8.45 12.45 0.81
CA ASP A 60 -9.31 13.10 1.78
C ASP A 60 -10.19 11.99 2.29
N TYR A 61 -9.85 11.51 3.49
CA TYR A 61 -10.47 10.31 4.03
C TYR A 61 -11.80 10.61 4.71
N ALA A 62 -11.87 11.79 5.31
CA ALA A 62 -13.09 12.25 5.97
C ALA A 62 -14.23 12.28 4.98
N LYS A 63 -13.99 12.87 3.81
CA LYS A 63 -15.00 12.93 2.76
C LYS A 63 -15.27 11.56 2.13
N ALA A 64 -14.24 10.73 1.99
CA ALA A 64 -14.43 9.38 1.49
C ALA A 64 -15.36 8.64 2.44
N LEU A 65 -15.15 8.84 3.74
CA LEU A 65 -15.98 8.21 4.75
C LEU A 65 -17.44 8.62 4.64
N GLU A 66 -17.70 9.91 4.49
CA GLU A 66 -19.08 10.39 4.40
C GLU A 66 -19.79 9.81 3.18
N TYR A 67 -19.13 9.88 2.03
CA TYR A 67 -19.75 9.41 0.79
C TYR A 67 -20.07 7.92 0.80
N HIS A 68 -19.13 7.12 1.30
CA HIS A 68 -19.34 5.68 1.35
C HIS A 68 -20.44 5.35 2.34
N HIS A 69 -20.55 6.17 3.38
CA HIS A 69 -21.57 5.98 4.40
C HIS A 69 -22.97 6.26 3.84
N HIS A 70 -23.07 7.33 3.04
CA HIS A 70 -24.33 7.63 2.34
C HIS A 70 -24.70 6.51 1.38
N ASP A 71 -23.71 6.04 0.62
CA ASP A 71 -23.90 4.93 -0.32
C ASP A 71 -24.42 3.69 0.41
N LEU A 72 -23.74 3.34 1.50
CA LEU A 72 -24.16 2.20 2.31
C LEU A 72 -25.62 2.32 2.74
N THR A 73 -25.99 3.50 3.25
CA THR A 73 -27.34 3.71 3.75
C THR A 73 -28.36 3.60 2.63
N LEU A 74 -28.02 4.19 1.48
CA LEU A 74 -28.92 4.18 0.35
C LEU A 74 -29.06 2.77 -0.21
N ALA A 75 -27.96 2.03 -0.24
CA ALA A 75 -27.97 0.65 -0.72
C ALA A 75 -28.97 -0.20 0.07
N ARG A 76 -29.07 0.06 1.37
CA ARG A 76 -30.03 -0.63 2.23
C ARG A 76 -31.44 -0.14 1.97
N THR A 77 -31.59 1.17 1.88
CA THR A 77 -32.87 1.81 1.58
C THR A 77 -33.54 1.19 0.36
N ILE A 78 -32.77 1.00 -0.71
CA ILE A 78 -33.32 0.45 -1.95
C ILE A 78 -33.24 -1.08 -2.00
N GLY A 79 -32.62 -1.67 -0.99
CA GLY A 79 -32.50 -3.12 -0.91
C GLY A 79 -31.55 -3.71 -1.96
N ASP A 80 -30.49 -2.98 -2.27
CA ASP A 80 -29.51 -3.46 -3.24
C ASP A 80 -28.38 -4.15 -2.47
N GLN A 81 -28.35 -5.47 -2.56
CA GLN A 81 -27.47 -6.26 -1.70
C GLN A 81 -26.00 -6.17 -2.11
N LEU A 82 -25.74 -6.36 -3.40
CA LEU A 82 -24.39 -6.22 -3.92
C LEU A 82 -23.88 -4.80 -3.64
N GLY A 83 -24.72 -3.81 -3.93
CA GLY A 83 -24.41 -2.43 -3.59
C GLY A 83 -24.09 -2.21 -2.12
N GLU A 84 -24.81 -2.91 -1.24
CA GLU A 84 -24.54 -2.78 0.19
C GLU A 84 -23.18 -3.38 0.53
N ALA A 85 -22.91 -4.56 -0.02
CA ALA A 85 -21.63 -5.23 0.21
C ALA A 85 -20.47 -4.34 -0.21
N LYS A 86 -20.59 -3.74 -1.40
CA LYS A 86 -19.55 -2.88 -1.95
C LYS A 86 -19.29 -1.65 -1.09
N ALA A 87 -20.36 -0.90 -0.79
CA ALA A 87 -20.24 0.28 0.05
C ALA A 87 -19.63 -0.11 1.39
N SER A 88 -20.02 -1.28 1.87
CA SER A 88 -19.55 -1.74 3.18
C SER A 88 -18.04 -1.99 3.17
N GLY A 89 -17.57 -2.64 2.11
CA GLY A 89 -16.13 -2.83 1.94
C GLY A 89 -15.39 -1.51 1.78
N ASN A 90 -15.94 -0.61 0.98
CA ASN A 90 -15.33 0.71 0.80
C ASN A 90 -15.29 1.52 2.09
N LEU A 91 -16.38 1.47 2.86
CA LEU A 91 -16.42 2.12 4.16
C LEU A 91 -15.38 1.49 5.07
N GLY A 92 -15.29 0.16 4.99
CA GLY A 92 -14.34 -0.59 5.79
C GLY A 92 -12.92 -0.14 5.57
N ASN A 93 -12.50 -0.11 4.31
CA ASN A 93 -11.14 0.31 3.97
C ASN A 93 -10.85 1.74 4.41
N THR A 94 -11.86 2.60 4.31
CA THR A 94 -11.69 4.00 4.68
C THR A 94 -11.48 4.12 6.18
N LEU A 95 -12.31 3.39 6.95
CA LEU A 95 -12.19 3.35 8.41
C LEU A 95 -10.82 2.84 8.85
N LYS A 96 -10.24 1.94 8.07
CA LYS A 96 -8.93 1.38 8.37
C LYS A 96 -7.87 2.47 8.29
N VAL A 97 -7.90 3.26 7.22
CA VAL A 97 -6.97 4.35 7.05
C VAL A 97 -7.11 5.36 8.19
N LEU A 98 -8.34 5.61 8.62
CA LEU A 98 -8.62 6.56 9.68
C LEU A 98 -8.29 5.99 11.04
N GLY A 99 -8.07 4.68 11.07
CA GLY A 99 -7.68 4.03 12.30
C GLY A 99 -8.82 3.61 13.20
N ASN A 100 -10.03 3.40 12.66
CA ASN A 100 -11.00 2.72 13.49
C ASN A 100 -10.97 1.30 12.98
N PHE A 101 -10.29 0.44 13.73
CA PHE A 101 -10.07 -0.91 13.27
C PHE A 101 -11.28 -1.79 13.57
N ASP A 102 -11.85 -1.59 14.76
CA ASP A 102 -13.02 -2.34 15.19
C ASP A 102 -14.15 -2.24 14.16
N GLU A 103 -14.47 -1.02 13.76
CA GLU A 103 -15.54 -0.77 12.80
C GLU A 103 -15.13 -1.20 11.38
N ALA A 104 -13.86 -1.02 11.05
CA ALA A 104 -13.35 -1.44 9.74
C ALA A 104 -13.55 -2.95 9.59
N ILE A 105 -13.27 -3.68 10.66
CA ILE A 105 -13.47 -5.12 10.66
C ILE A 105 -14.94 -5.47 10.43
N VAL A 106 -15.83 -4.86 11.22
CA VAL A 106 -17.27 -5.07 11.06
C VAL A 106 -17.71 -4.85 9.60
N CYS A 107 -17.26 -3.77 9.00
CA CYS A 107 -17.68 -3.41 7.63
C CYS A 107 -17.12 -4.36 6.58
N CYS A 108 -15.85 -4.68 6.68
CA CYS A 108 -15.23 -5.59 5.73
C CYS A 108 -15.81 -7.00 5.90
N GLN A 109 -16.15 -7.36 7.14
CA GLN A 109 -16.83 -8.63 7.38
C GLN A 109 -18.20 -8.64 6.70
N ARG A 110 -18.90 -7.51 6.74
CA ARG A 110 -20.19 -7.39 6.08
CA ARG A 110 -20.20 -7.39 6.08
C ARG A 110 -20.05 -7.66 4.58
N HIS A 111 -19.04 -7.03 3.98
CA HIS A 111 -18.72 -7.23 2.57
C HIS A 111 -18.50 -8.72 2.30
N LEU A 112 -17.78 -9.37 3.20
CA LEU A 112 -17.49 -10.79 3.09
C LEU A 112 -18.74 -11.65 3.24
N ASP A 113 -19.55 -11.37 4.27
CA ASP A 113 -20.76 -12.15 4.54
C ASP A 113 -21.81 -12.03 3.44
N ILE A 114 -22.01 -10.81 2.93
CA ILE A 114 -22.97 -10.60 1.87
C ILE A 114 -22.50 -11.24 0.56
N SER A 115 -21.21 -11.09 0.26
CA SER A 115 -20.61 -11.74 -0.91
C SER A 115 -20.90 -13.24 -0.91
N ARG A 116 -20.77 -13.87 0.26
CA ARG A 116 -21.03 -15.30 0.36
C ARG A 116 -22.50 -15.64 0.14
N GLU A 117 -23.40 -14.82 0.69
CA GLU A 117 -24.83 -15.04 0.49
C GLU A 117 -25.18 -14.94 -0.99
N LEU A 118 -24.47 -14.06 -1.70
CA LEU A 118 -24.71 -13.81 -3.11
C LEU A 118 -23.95 -14.82 -3.98
N ASN A 119 -23.25 -15.72 -3.32
CA ASN A 119 -22.35 -16.66 -4.00
C ASN A 119 -21.42 -15.94 -4.96
N ASP A 120 -20.92 -14.80 -4.51
CA ASP A 120 -20.04 -14.00 -5.33
C ASP A 120 -18.62 -14.24 -4.85
N LYS A 121 -17.88 -15.01 -5.65
CA LYS A 121 -16.55 -15.50 -5.28
C LYS A 121 -15.49 -14.41 -5.44
N VAL A 122 -15.67 -13.58 -6.47
CA VAL A 122 -14.79 -12.45 -6.69
C VAL A 122 -14.89 -11.49 -5.51
N GLY A 123 -16.11 -11.11 -5.16
CA GLY A 123 -16.33 -10.23 -4.02
C GLY A 123 -15.82 -10.83 -2.73
N GLU A 124 -16.09 -12.12 -2.52
CA GLU A 124 -15.67 -12.82 -1.32
C GLU A 124 -14.15 -12.73 -1.14
N ALA A 125 -13.40 -13.12 -2.17
CA ALA A 125 -11.94 -13.08 -2.10
C ALA A 125 -11.46 -11.66 -1.80
N ARG A 126 -12.03 -10.68 -2.48
CA ARG A 126 -11.60 -9.29 -2.29
C ARG A 126 -11.85 -8.83 -0.86
N ALA A 127 -12.99 -9.24 -0.30
CA ALA A 127 -13.31 -8.92 1.08
C ALA A 127 -12.30 -9.55 2.04
N LEU A 128 -11.87 -10.78 1.76
CA LEU A 128 -10.88 -11.45 2.60
C LEU A 128 -9.56 -10.68 2.64
N TYR A 129 -9.17 -10.13 1.50
CA TYR A 129 -7.92 -9.38 1.41
C TYR A 129 -8.01 -8.06 2.20
N ASN A 130 -9.07 -7.31 1.96
CA ASN A 130 -9.33 -6.09 2.73
C ASN A 130 -9.36 -6.34 4.24
N LEU A 131 -9.99 -7.44 4.64
CA LEU A 131 -10.07 -7.77 6.06
C LEU A 131 -8.68 -8.09 6.61
N GLY A 132 -7.90 -8.84 5.83
CA GLY A 132 -6.53 -9.14 6.20
C GLY A 132 -5.74 -7.85 6.41
N ASN A 133 -5.96 -6.90 5.52
CA ASN A 133 -5.31 -5.60 5.61
C ASN A 133 -5.64 -4.86 6.91
N VAL A 134 -6.89 -4.94 7.34
CA VAL A 134 -7.30 -4.29 8.58
C VAL A 134 -6.54 -4.88 9.75
N TYR A 135 -6.56 -6.21 9.86
CA TYR A 135 -5.88 -6.89 10.96
C TYR A 135 -4.38 -6.61 10.94
N HIS A 136 -3.81 -6.54 9.75
CA HIS A 136 -2.40 -6.23 9.61
C HIS A 136 -2.10 -4.83 10.15
N ALA A 137 -2.90 -3.86 9.72
CA ALA A 137 -2.72 -2.47 10.16
C ALA A 137 -2.89 -2.37 11.68
N LYS A 138 -3.83 -3.14 12.22
CA LYS A 138 -4.10 -3.15 13.64
C LYS A 138 -2.88 -3.63 14.44
N GLY A 139 -2.28 -4.73 13.99
CA GLY A 139 -1.09 -5.26 14.67
C GLY A 139 0.11 -4.35 14.52
N LYS A 140 0.22 -3.69 13.36
CA LYS A 140 1.34 -2.82 13.06
C LYS A 140 1.28 -1.52 13.88
N SER A 141 0.10 -0.91 13.94
CA SER A 141 -0.05 0.39 14.59
C SER A 141 0.33 0.34 16.06
N PHE A 142 0.01 -0.77 16.71
CA PHE A 142 0.33 -0.95 18.12
C PHE A 142 1.83 -1.17 18.29
N PRO A 154 3.12 -7.86 23.02
CA PRO A 154 1.72 -7.64 23.40
C PRO A 154 0.80 -8.60 22.65
N GLU A 155 0.16 -9.49 23.40
CA GLU A 155 -0.59 -10.61 22.83
C GLU A 155 -1.59 -10.23 21.74
N ASP A 156 -2.30 -9.12 21.91
CA ASP A 156 -3.28 -8.69 20.91
C ASP A 156 -2.61 -8.40 19.57
N VAL A 157 -1.41 -7.84 19.64
CA VAL A 157 -0.62 -7.54 18.44
C VAL A 157 -0.35 -8.81 17.62
N ARG A 158 0.23 -9.81 18.25
CA ARG A 158 0.52 -11.07 17.57
C ARG A 158 -0.78 -11.72 17.07
N ASN A 159 -1.82 -11.64 17.89
CA ASN A 159 -3.12 -12.20 17.51
C ASN A 159 -3.71 -11.56 16.26
N ALA A 160 -3.59 -10.24 16.15
CA ALA A 160 -4.07 -9.51 15.00
C ALA A 160 -3.26 -9.88 13.76
N LEU A 161 -1.93 -9.91 13.92
CA LEU A 161 -1.04 -10.29 12.81
C LEU A 161 -1.31 -11.72 12.34
N GLN A 162 -1.59 -12.63 13.27
CA GLN A 162 -1.87 -14.01 12.88
C GLN A 162 -3.22 -14.10 12.18
N ALA A 163 -4.17 -13.27 12.60
CA ALA A 163 -5.46 -13.22 11.92
C ALA A 163 -5.26 -12.80 10.46
N ALA A 164 -4.42 -11.79 10.24
CA ALA A 164 -4.12 -11.32 8.89
C ALA A 164 -3.52 -12.43 8.02
N VAL A 165 -2.56 -13.18 8.57
CA VAL A 165 -1.97 -14.32 7.86
C VAL A 165 -3.04 -15.32 7.41
N ASP A 166 -3.89 -15.74 8.35
CA ASP A 166 -4.96 -16.68 8.02
C ASP A 166 -5.83 -16.14 6.91
N LEU A 167 -6.11 -14.84 6.96
CA LEU A 167 -7.01 -14.20 6.00
C LEU A 167 -6.37 -14.09 4.61
N TYR A 168 -5.07 -13.80 4.57
CA TYR A 168 -4.33 -13.79 3.31
C TYR A 168 -4.23 -15.19 2.72
N GLU A 169 -3.95 -16.18 3.57
CA GLU A 169 -3.90 -17.57 3.12
C GLU A 169 -5.23 -17.97 2.51
N GLU A 170 -6.32 -17.53 3.14
CA GLU A 170 -7.65 -17.87 2.64
C GLU A 170 -7.92 -17.17 1.30
N ASN A 171 -7.53 -15.91 1.19
CA ASN A 171 -7.66 -15.20 -0.08
C ASN A 171 -6.87 -15.90 -1.18
N LEU A 172 -5.62 -16.23 -0.90
CA LEU A 172 -4.75 -16.85 -1.89
C LEU A 172 -5.35 -18.15 -2.40
N SER A 173 -5.89 -18.94 -1.49
CA SER A 173 -6.55 -20.19 -1.85
C SER A 173 -7.66 -19.93 -2.87
N LEU A 174 -8.45 -18.90 -2.61
CA LEU A 174 -9.61 -18.58 -3.44
C LEU A 174 -9.22 -17.98 -4.80
N VAL A 175 -8.27 -17.05 -4.80
CA VAL A 175 -7.89 -16.41 -6.05
C VAL A 175 -7.04 -17.34 -6.93
N THR A 176 -6.49 -18.39 -6.33
CA THR A 176 -5.84 -19.43 -7.13
C THR A 176 -6.89 -20.13 -7.97
N ALA A 177 -8.01 -20.48 -7.33
CA ALA A 177 -9.13 -21.13 -8.04
C ALA A 177 -9.69 -20.22 -9.12
N LEU A 178 -9.70 -18.91 -8.84
CA LEU A 178 -10.25 -17.92 -9.76
C LEU A 178 -9.28 -17.56 -10.88
N GLY A 179 -8.02 -17.97 -10.73
CA GLY A 179 -6.98 -17.63 -11.69
C GLY A 179 -6.65 -16.14 -11.71
N ASP A 180 -6.72 -15.48 -10.57
CA ASP A 180 -6.50 -14.04 -10.54
C ASP A 180 -5.08 -13.78 -10.04
N ARG A 181 -4.21 -13.40 -10.98
CA ARG A 181 -2.78 -13.30 -10.73
C ARG A 181 -2.46 -12.03 -9.97
N ALA A 182 -3.18 -10.96 -10.30
CA ALA A 182 -2.94 -9.68 -9.65
C ALA A 182 -3.38 -9.73 -8.18
N ALA A 183 -4.46 -10.44 -7.90
CA ALA A 183 -4.91 -10.61 -6.53
C ALA A 183 -3.88 -11.41 -5.74
N GLN A 184 -3.36 -12.48 -6.34
CA GLN A 184 -2.28 -13.26 -5.74
C GLN A 184 -1.10 -12.35 -5.40
N GLY A 185 -0.72 -11.50 -6.36
CA GLY A 185 0.37 -10.57 -6.16
C GLY A 185 0.18 -9.69 -4.93
N ARG A 186 -1.01 -9.11 -4.80
CA ARG A 186 -1.32 -8.26 -3.65
C ARG A 186 -1.23 -9.03 -2.33
N ALA A 187 -1.86 -10.19 -2.30
CA ALA A 187 -1.92 -10.99 -1.07
C ALA A 187 -0.55 -11.56 -0.67
N PHE A 188 0.24 -11.96 -1.66
CA PHE A 188 1.58 -12.46 -1.38
C PHE A 188 2.47 -11.41 -0.71
N GLY A 189 2.43 -10.18 -1.24
CA GLY A 189 3.22 -9.11 -0.67
C GLY A 189 2.85 -8.78 0.76
N ASN A 190 1.55 -8.65 1.01
CA ASN A 190 1.09 -8.29 2.35
C ASN A 190 1.20 -9.43 3.35
N LEU A 191 1.02 -10.66 2.87
CA LEU A 191 1.31 -11.84 3.66
C LEU A 191 2.78 -11.84 4.08
N GLY A 192 3.67 -11.64 3.11
CA GLY A 192 5.10 -11.63 3.36
C GLY A 192 5.48 -10.63 4.45
N ASN A 193 4.92 -9.43 4.36
CA ASN A 193 5.19 -8.38 5.34
C ASN A 193 4.61 -8.67 6.72
N THR A 194 3.57 -9.49 6.76
CA THR A 194 2.96 -9.88 8.03
C THR A 194 3.83 -10.93 8.75
N HIS A 195 4.30 -11.92 7.98
CA HIS A 195 5.29 -12.88 8.46
C HIS A 195 6.53 -12.17 8.98
N TYR A 196 6.94 -11.15 8.24
CA TYR A 196 8.10 -10.35 8.59
C TYR A 196 7.92 -9.72 9.99
N LEU A 197 6.79 -9.07 10.22
CA LEU A 197 6.48 -8.50 11.54
C LEU A 197 6.40 -9.55 12.63
N LEU A 198 5.83 -10.71 12.32
CA LEU A 198 5.70 -11.79 13.29
C LEU A 198 7.05 -12.44 13.54
N GLY A 199 8.04 -12.07 12.75
CA GLY A 199 9.37 -12.62 12.88
C GLY A 199 9.58 -13.95 12.19
N ASN A 200 8.71 -14.34 11.25
CA ASN A 200 9.03 -15.57 10.53
C ASN A 200 9.62 -15.14 9.21
N PHE A 201 10.94 -15.20 9.15
CA PHE A 201 11.65 -14.58 8.06
C PHE A 201 11.71 -15.46 6.82
N ARG A 202 11.92 -16.76 7.04
CA ARG A 202 11.90 -17.74 5.96
C ARG A 202 10.56 -17.65 5.24
N ASP A 203 9.48 -17.63 6.00
CA ASP A 203 8.13 -17.56 5.43
C ASP A 203 7.89 -16.26 4.69
N ALA A 204 8.44 -15.17 5.23
CA ALA A 204 8.35 -13.88 4.56
C ALA A 204 9.06 -13.95 3.22
N VAL A 205 10.24 -14.56 3.21
CA VAL A 205 11.01 -14.70 1.99
C VAL A 205 10.22 -15.46 0.93
N ILE A 206 9.66 -16.60 1.34
CA ILE A 206 8.87 -17.43 0.43
C ILE A 206 7.74 -16.63 -0.21
N ALA A 207 7.01 -15.85 0.60
CA ALA A 207 5.89 -15.05 0.10
C ALA A 207 6.34 -13.96 -0.88
N HIS A 208 7.38 -13.23 -0.51
CA HIS A 208 7.86 -12.14 -1.35
C HIS A 208 8.45 -12.67 -2.67
N GLU A 209 9.06 -13.85 -2.60
CA GLU A 209 9.55 -14.50 -3.81
C GLU A 209 8.40 -14.74 -4.79
N GLN A 210 7.23 -15.11 -4.27
CA GLN A 210 6.07 -15.33 -5.14
C GLN A 210 5.57 -14.01 -5.68
N ARG A 211 5.60 -12.98 -4.82
CA ARG A 211 5.21 -11.62 -5.22
C ARG A 211 6.09 -11.11 -6.35
N LEU A 212 7.40 -11.37 -6.25
CA LEU A 212 8.35 -10.97 -7.29
C LEU A 212 8.07 -11.65 -8.64
N LEU A 213 7.89 -12.97 -8.62
CA LEU A 213 7.57 -13.71 -9.85
C LEU A 213 6.37 -13.07 -10.55
N ILE A 214 5.34 -12.75 -9.78
CA ILE A 214 4.12 -12.18 -10.34
C ILE A 214 4.30 -10.74 -10.84
N ALA A 215 5.16 -9.98 -10.18
CA ALA A 215 5.47 -8.62 -10.65
C ALA A 215 6.22 -8.68 -11.98
N LYS A 216 7.18 -9.58 -12.07
CA LYS A 216 7.90 -9.76 -13.33
C LYS A 216 6.94 -10.24 -14.41
N GLU A 217 6.01 -11.12 -14.04
CA GLU A 217 5.02 -11.60 -14.99
C GLU A 217 4.18 -10.46 -15.57
N PHE A 218 3.77 -9.52 -14.74
CA PHE A 218 2.94 -8.39 -15.20
C PHE A 218 3.75 -7.27 -15.85
N GLY A 219 5.07 -7.32 -15.71
CA GLY A 219 5.92 -6.25 -16.18
C GLY A 219 5.87 -5.04 -15.27
N ASP A 220 5.54 -5.25 -14.00
CA ASP A 220 5.34 -4.14 -13.08
C ASP A 220 6.64 -3.87 -12.32
N LYS A 221 7.28 -2.75 -12.65
CA LYS A 221 8.61 -2.47 -12.12
C LYS A 221 8.53 -1.97 -10.68
N ALA A 222 7.47 -1.23 -10.37
CA ALA A 222 7.25 -0.76 -9.00
C ALA A 222 7.12 -1.96 -8.06
N ALA A 223 6.19 -2.85 -8.36
CA ALA A 223 5.96 -4.05 -7.55
C ALA A 223 7.24 -4.88 -7.44
N GLU A 224 7.97 -4.96 -8.55
CA GLU A 224 9.22 -5.70 -8.60
C GLU A 224 10.22 -5.10 -7.62
N ARG A 225 10.35 -3.78 -7.66
CA ARG A 225 11.22 -3.09 -6.73
C ARG A 225 10.82 -3.36 -5.28
N ARG A 226 9.51 -3.33 -5.02
CA ARG A 226 8.99 -3.58 -3.68
C ARG A 226 9.40 -4.96 -3.15
N ALA A 227 9.17 -5.98 -3.95
CA ALA A 227 9.54 -7.34 -3.58
C ALA A 227 11.03 -7.43 -3.25
N TYR A 228 11.87 -6.86 -4.11
CA TYR A 228 13.30 -6.82 -3.86
C TYR A 228 13.63 -6.16 -2.51
N SER A 229 13.02 -5.01 -2.25
CA SER A 229 13.22 -4.31 -0.98
C SER A 229 12.86 -5.20 0.19
N ASN A 230 11.65 -5.77 0.11
CA ASN A 230 11.13 -6.63 1.17
C ASN A 230 11.99 -7.88 1.41
N LEU A 231 12.52 -8.46 0.34
CA LEU A 231 13.41 -9.61 0.46
C LEU A 231 14.72 -9.21 1.13
N GLY A 232 15.26 -8.07 0.73
CA GLY A 232 16.45 -7.53 1.36
C GLY A 232 16.28 -7.42 2.86
N ASN A 233 15.13 -6.90 3.28
CA ASN A 233 14.84 -6.72 4.71
C ASN A 233 14.84 -8.03 5.48
N ALA A 234 14.18 -9.04 4.93
CA ALA A 234 14.10 -10.35 5.59
C ALA A 234 15.48 -11.00 5.74
N TYR A 235 16.33 -10.87 4.73
CA TYR A 235 17.67 -11.45 4.79
C TYR A 235 18.57 -10.75 5.80
N ILE A 236 18.27 -9.49 6.09
CA ILE A 236 18.97 -8.79 7.16
C ILE A 236 18.75 -9.50 8.48
N PHE A 237 17.47 -9.76 8.80
CA PHE A 237 17.11 -10.44 10.04
C PHE A 237 17.41 -11.93 10.00
N LEU A 238 17.67 -12.46 8.81
CA LEU A 238 18.10 -13.86 8.69
C LEU A 238 19.61 -13.92 8.90
N GLY A 239 20.19 -12.75 9.16
CA GLY A 239 21.60 -12.65 9.45
C GLY A 239 22.47 -12.84 8.23
N GLU A 240 21.84 -12.95 7.06
CA GLU A 240 22.63 -13.10 5.84
C GLU A 240 22.69 -11.75 5.14
N PHE A 241 23.85 -11.11 5.27
CA PHE A 241 24.04 -9.74 4.82
C PHE A 241 24.37 -9.59 3.33
N GLU A 242 25.22 -10.47 2.81
CA GLU A 242 25.64 -10.41 1.42
C GLU A 242 24.43 -10.56 0.50
N THR A 243 23.55 -11.48 0.85
CA THR A 243 22.35 -11.73 0.07
C THR A 243 21.40 -10.51 0.08
N ALA A 244 21.28 -9.85 1.22
CA ALA A 244 20.46 -8.66 1.33
C ALA A 244 21.00 -7.54 0.45
N SER A 245 22.32 -7.32 0.52
CA SER A 245 22.97 -6.29 -0.28
C SER A 245 22.74 -6.50 -1.76
N GLU A 246 22.64 -7.76 -2.17
CA GLU A 246 22.42 -8.08 -3.58
C GLU A 246 21.01 -7.70 -4.03
N TYR A 247 20.03 -7.97 -3.19
CA TYR A 247 18.66 -7.54 -3.50
C TYR A 247 18.53 -6.02 -3.50
N TYR A 248 19.29 -5.36 -2.63
CA TYR A 248 19.30 -3.90 -2.62
C TYR A 248 19.95 -3.36 -3.89
N LYS A 249 21.01 -4.03 -4.33
CA LYS A 249 21.63 -3.69 -5.60
C LYS A 249 20.58 -3.66 -6.71
N LYS A 250 19.70 -4.66 -6.71
CA LYS A 250 18.62 -4.72 -7.68
C LYS A 250 17.65 -3.54 -7.56
N THR A 251 17.25 -3.20 -6.33
CA THR A 251 16.35 -2.06 -6.12
C THR A 251 16.96 -0.77 -6.62
N LEU A 252 18.27 -0.62 -6.44
CA LEU A 252 18.98 0.56 -6.94
C LEU A 252 18.80 0.70 -8.45
N LEU A 253 18.96 -0.40 -9.17
CA LEU A 253 18.81 -0.42 -10.63
C LEU A 253 17.42 0.01 -11.09
N LEU A 254 16.39 -0.62 -10.54
CA LEU A 254 15.02 -0.27 -10.89
C LEU A 254 14.69 1.17 -10.49
N ALA A 255 15.23 1.62 -9.36
CA ALA A 255 15.00 2.98 -8.90
C ALA A 255 15.50 3.99 -9.93
N ARG A 256 16.69 3.73 -10.47
CA ARG A 256 17.22 4.53 -11.56
C ARG A 256 16.38 4.33 -12.81
N GLN A 257 16.08 3.07 -13.10
CA GLN A 257 15.22 2.70 -14.22
C GLN A 257 13.89 3.46 -14.17
N LEU A 258 13.22 3.41 -13.02
CA LEU A 258 11.92 4.06 -12.86
C LEU A 258 12.03 5.57 -12.75
N LYS A 259 13.26 6.07 -12.66
CA LYS A 259 13.49 7.50 -12.48
C LYS A 259 12.90 7.99 -11.15
N ASP A 260 12.99 7.16 -10.12
CA ASP A 260 12.55 7.56 -8.79
C ASP A 260 13.78 7.83 -7.93
N ARG A 261 14.01 9.11 -7.63
CA ARG A 261 15.20 9.51 -6.88
C ARG A 261 15.06 9.18 -5.40
N ALA A 262 13.88 9.47 -4.84
CA ALA A 262 13.60 9.17 -3.45
C ALA A 262 13.88 7.69 -3.14
N VAL A 263 13.50 6.82 -4.07
CA VAL A 263 13.75 5.39 -3.93
C VAL A 263 15.21 5.04 -4.16
N GLU A 264 15.82 5.69 -5.15
CA GLU A 264 17.24 5.52 -5.42
C GLU A 264 18.05 5.82 -4.16
N ALA A 265 17.78 6.97 -3.56
CA ALA A 265 18.43 7.37 -2.32
C ALA A 265 18.21 6.31 -1.24
N GLN A 266 16.96 5.87 -1.10
CA GLN A 266 16.59 4.81 -0.17
C GLN A 266 17.47 3.58 -0.38
N SER A 267 17.56 3.14 -1.64
CA SER A 267 18.40 2.00 -2.01
C SER A 267 19.85 2.18 -1.55
N CYS A 268 20.39 3.37 -1.82
CA CYS A 268 21.76 3.69 -1.44
C CYS A 268 21.97 3.58 0.07
N TYR A 269 21.05 4.16 0.83
CA TYR A 269 21.13 4.12 2.29
C TYR A 269 21.14 2.68 2.80
N SER A 270 20.18 1.89 2.33
CA SER A 270 20.09 0.48 2.70
C SER A 270 21.37 -0.28 2.40
N LEU A 271 21.95 -0.06 1.21
CA LEU A 271 23.20 -0.69 0.83
C LEU A 271 24.34 -0.21 1.73
N GLY A 272 24.28 1.05 2.13
CA GLY A 272 25.27 1.60 3.02
C GLY A 272 25.32 0.85 4.34
N ASN A 273 24.15 0.64 4.94
CA ASN A 273 24.07 -0.01 6.25
C ASN A 273 24.40 -1.50 6.18
N THR A 274 24.09 -2.12 5.05
CA THR A 274 24.37 -3.54 4.87
C THR A 274 25.87 -3.78 4.80
N TYR A 275 26.57 -2.98 4.00
CA TYR A 275 28.02 -3.07 3.89
C TYR A 275 28.68 -2.74 5.23
N THR A 276 27.97 -2.00 6.06
CA THR A 276 28.45 -1.69 7.41
C THR A 276 28.43 -2.96 8.25
N LEU A 277 27.39 -3.78 8.07
CA LEU A 277 27.26 -5.05 8.77
C LEU A 277 28.23 -6.08 8.17
N LEU A 278 28.45 -5.98 6.87
CA LEU A 278 29.44 -6.80 6.18
C LEU A 278 30.84 -6.32 6.51
N GLN A 279 30.90 -5.18 7.22
CA GLN A 279 32.14 -4.59 7.68
C GLN A 279 33.07 -4.16 6.53
N ASP A 280 32.49 -3.89 5.37
CA ASP A 280 33.25 -3.26 4.29
C ASP A 280 32.85 -1.80 4.26
N TYR A 281 33.73 -0.94 4.74
CA TYR A 281 33.36 0.46 4.98
C TYR A 281 33.67 1.39 3.82
N GLU A 282 34.39 0.90 2.83
CA GLU A 282 34.68 1.69 1.65
C GLU A 282 33.42 1.78 0.78
N LYS A 283 32.82 0.62 0.51
CA LYS A 283 31.57 0.58 -0.22
C LYS A 283 30.47 1.29 0.57
N ALA A 284 30.49 1.12 1.88
CA ALA A 284 29.51 1.78 2.74
C ALA A 284 29.54 3.28 2.51
N ILE A 285 30.72 3.88 2.65
CA ILE A 285 30.92 5.30 2.40
C ILE A 285 30.44 5.72 1.00
N ASP A 286 30.79 4.92 0.00
CA ASP A 286 30.38 5.18 -1.38
C ASP A 286 28.88 5.40 -1.51
N TYR A 287 28.10 4.48 -0.95
CA TYR A 287 26.64 4.53 -1.05
C TYR A 287 26.01 5.58 -0.12
N HIS A 288 26.61 5.77 1.06
CA HIS A 288 26.15 6.81 1.97
C HIS A 288 26.41 8.19 1.36
N LEU A 289 27.51 8.31 0.62
CA LEU A 289 27.82 9.52 -0.12
C LEU A 289 26.74 9.80 -1.16
N LYS A 290 26.36 8.76 -1.89
CA LYS A 290 25.32 8.86 -2.91
C LYS A 290 23.96 9.17 -2.32
N HIS A 291 23.72 8.67 -1.12
CA HIS A 291 22.50 9.00 -0.38
C HIS A 291 22.53 10.47 0.02
N LEU A 292 23.65 10.90 0.59
CA LEU A 292 23.81 12.29 1.00
C LEU A 292 23.49 13.23 -0.16
N ALA A 293 24.07 12.93 -1.32
CA ALA A 293 23.84 13.73 -2.52
C ALA A 293 22.37 13.77 -2.91
N ILE A 294 21.75 12.61 -3.03
CA ILE A 294 20.34 12.52 -3.41
C ILE A 294 19.42 13.22 -2.40
N ALA A 295 19.78 13.12 -1.12
CA ALA A 295 18.97 13.73 -0.05
C ALA A 295 18.91 15.25 -0.19
N GLN A 296 20.07 15.89 -0.31
CA GLN A 296 20.12 17.32 -0.53
C GLN A 296 19.33 17.68 -1.77
N GLU A 297 19.56 16.93 -2.83
CA GLU A 297 18.88 17.13 -4.11
C GLU A 297 17.37 17.22 -3.92
N LEU A 298 16.84 16.37 -3.04
CA LEU A 298 15.40 16.34 -2.77
C LEU A 298 15.03 17.27 -1.62
N LYS A 299 16.04 17.98 -1.11
CA LYS A 299 15.84 18.87 0.03
C LYS A 299 15.28 18.11 1.21
N ASP A 300 15.87 16.96 1.50
CA ASP A 300 15.47 16.14 2.64
C ASP A 300 16.48 16.37 3.76
N ARG A 301 16.05 17.06 4.80
CA ARG A 301 16.94 17.38 5.91
C ARG A 301 17.10 16.18 6.82
N ILE A 302 16.03 15.39 6.94
CA ILE A 302 16.05 14.17 7.74
C ILE A 302 17.15 13.24 7.26
N GLY A 303 17.00 12.73 6.05
CA GLY A 303 17.99 11.84 5.46
C GLY A 303 19.38 12.44 5.47
N GLU A 304 19.47 13.74 5.21
CA GLU A 304 20.75 14.43 5.18
C GLU A 304 21.54 14.20 6.46
N GLY A 305 20.91 14.45 7.60
CA GLY A 305 21.54 14.25 8.90
C GLY A 305 21.90 12.80 9.15
N ARG A 306 20.96 11.90 8.86
CA ARG A 306 21.20 10.47 9.02
C ARG A 306 22.32 10.02 8.09
N ALA A 307 22.46 10.70 6.95
CA ALA A 307 23.55 10.43 6.02
C ALA A 307 24.87 10.93 6.60
N CYS A 308 24.84 12.12 7.21
CA CYS A 308 26.00 12.68 7.87
C CYS A 308 26.43 11.79 9.03
N TRP A 309 25.45 11.31 9.79
CA TRP A 309 25.70 10.39 10.90
C TRP A 309 26.28 9.07 10.39
N SER A 310 25.65 8.50 9.36
CA SER A 310 26.13 7.25 8.77
C SER A 310 27.58 7.36 8.30
N LEU A 311 27.90 8.47 7.66
CA LEU A 311 29.26 8.72 7.17
C LEU A 311 30.26 8.88 8.31
N GLY A 312 29.84 9.57 9.37
CA GLY A 312 30.69 9.75 10.53
C GLY A 312 31.15 8.43 11.10
N ASN A 313 30.22 7.49 11.18
CA ASN A 313 30.50 6.17 11.74
C ASN A 313 31.47 5.35 10.89
N ALA A 314 31.20 5.28 9.59
CA ALA A 314 32.04 4.52 8.67
C ALA A 314 33.49 5.00 8.68
N TYR A 315 33.67 6.32 8.61
CA TYR A 315 35.00 6.91 8.70
C TYR A 315 35.66 6.61 10.04
N THR A 316 34.85 6.53 11.08
CA THR A 316 35.34 6.20 12.42
C THR A 316 35.74 4.73 12.48
N ALA A 317 35.01 3.90 11.74
CA ALA A 317 35.26 2.46 11.73
C ALA A 317 36.66 2.12 11.23
N LEU A 318 37.11 2.85 10.21
CA LEU A 318 38.45 2.66 9.68
C LEU A 318 39.48 3.62 10.28
N GLY A 319 39.02 4.49 11.18
CA GLY A 319 39.90 5.40 11.88
C GLY A 319 40.42 6.52 10.99
N ASN A 320 39.51 7.16 10.27
CA ASN A 320 39.88 8.20 9.31
C ASN A 320 40.10 9.58 9.94
N HIS A 321 39.87 9.67 11.25
CA HIS A 321 40.09 10.93 11.96
C HIS A 321 39.21 12.08 11.47
N ASP A 322 39.83 13.16 11.01
CA ASP A 322 39.14 14.43 10.75
C ASP A 322 37.85 14.30 9.95
N GLN A 323 37.89 13.60 8.82
CA GLN A 323 36.71 13.49 7.96
C GLN A 323 35.48 12.99 8.72
N ALA A 324 35.70 12.16 9.73
CA ALA A 324 34.62 11.72 10.60
C ALA A 324 34.04 12.91 11.36
N MET A 325 34.93 13.77 11.86
CA MET A 325 34.52 14.96 12.59
C MET A 325 33.75 15.94 11.71
N HIS A 326 34.09 15.97 10.42
CA HIS A 326 33.43 16.89 9.49
C HIS A 326 31.93 16.61 9.40
N PHE A 327 31.59 15.35 9.21
CA PHE A 327 30.19 14.95 9.14
C PHE A 327 29.53 15.02 10.51
N ALA A 328 30.32 14.81 11.56
CA ALA A 328 29.86 15.00 12.92
C ALA A 328 29.22 16.37 13.06
N GLU A 329 30.03 17.41 12.89
CA GLU A 329 29.54 18.78 12.93
C GLU A 329 28.37 18.97 11.97
N LYS A 330 28.56 18.53 10.73
CA LYS A 330 27.52 18.63 9.72
C LYS A 330 26.20 18.06 10.24
N HIS A 331 26.29 16.90 10.89
CA HIS A 331 25.11 16.28 11.49
C HIS A 331 24.61 17.06 12.69
N LEU A 332 25.54 17.56 13.50
CA LEU A 332 25.18 18.34 14.68
C LEU A 332 24.22 19.46 14.29
N GLU A 333 24.57 20.18 13.24
CA GLU A 333 23.74 21.28 12.75
C GLU A 333 22.30 20.83 12.50
N ILE A 334 22.14 19.58 12.08
CA ILE A 334 20.82 19.03 11.77
C ILE A 334 20.36 18.07 12.86
N VAL B 20 11.95 -0.20 5.92
CA VAL B 20 10.72 0.23 5.27
C VAL B 20 10.00 -0.93 4.59
N MET B 21 8.85 -1.33 5.14
CA MET B 21 8.01 -2.35 4.52
C MET B 21 7.23 -1.75 3.36
N GLU B 22 7.36 -2.38 2.19
CA GLU B 22 6.61 -1.92 1.03
C GLU B 22 5.32 -2.74 0.92
N MET B 23 4.20 -2.10 1.23
CA MET B 23 2.89 -2.74 1.17
C MET B 23 2.29 -2.76 -0.23
N GLU B 24 1.40 -3.71 -0.46
CA GLU B 24 0.52 -3.69 -1.62
C GLU B 24 -0.69 -2.81 -1.30
N PRO B 25 -1.26 -2.15 -2.33
CA PRO B 25 -2.35 -1.19 -2.15
C PRO B 25 -3.67 -1.86 -1.81
N GLU B 26 -4.60 -1.07 -1.29
CA GLU B 26 -5.97 -1.53 -1.06
C GLU B 26 -6.68 -1.72 -2.40
N THR B 27 -7.76 -2.48 -2.38
CA THR B 27 -8.70 -2.49 -3.49
C THR B 27 -9.96 -1.76 -3.02
N MET B 28 -10.68 -1.18 -3.97
CA MET B 28 -11.99 -0.62 -3.64
C MET B 28 -13.01 -1.26 -4.57
N GLU B 29 -14.28 -1.28 -4.16
CA GLU B 29 -15.34 -1.74 -5.04
C GLU B 29 -15.87 -0.55 -5.83
N THR B 30 -16.15 -0.77 -7.10
CA THR B 30 -16.56 0.32 -7.97
C THR B 30 -17.97 0.13 -8.50
N LYS B 31 -18.65 1.26 -8.70
CA LYS B 31 -19.98 1.26 -9.31
C LYS B 31 -19.97 2.21 -10.52
N SER B 32 -20.88 1.99 -11.44
CA SER B 32 -21.02 2.90 -12.58
C SER B 32 -22.47 3.32 -12.76
N VAL B 33 -22.69 4.45 -13.40
CA VAL B 33 -24.04 4.90 -13.72
C VAL B 33 -24.59 4.17 -14.95
N ILE B 34 -23.69 3.52 -15.69
CA ILE B 34 -24.07 2.71 -16.84
C ILE B 34 -23.61 1.26 -16.67
N ASP B 35 -24.48 0.32 -17.04
CA ASP B 35 -24.11 -1.10 -17.05
C ASP B 35 -24.16 -1.66 -18.47
N SER B 36 -22.99 -1.99 -19.01
CA SER B 36 -22.88 -2.51 -20.38
C SER B 36 -23.68 -3.80 -20.55
#